data_2PJH
#
_entry.id   2PJH
#
loop_
_entity.id
_entity.type
_entity.pdbx_description
1 polymer 'Nuclear protein localization protein 4 homolog'
2 polymer 'Transitional endoplasmic reticulum ATPase'
#
loop_
_entity_poly.entity_id
_entity_poly.type
_entity_poly.pdbx_seq_one_letter_code
_entity_poly.pdbx_strand_id
1 'polypeptide(L)' MAESIIIRVQSPDGVKRITATKRETAATFLKKVAKEFGFQNNGFSVYINRNKTGEITASSSKSLHLLKIKHGDLLFLFPS A
2 'polypeptide(L)'
;NRPNRLIVDEAINEDNSVVSLSQPKMDELQLFRGDTVLLKGKKRREAVCIVLSDDTCSDEKIRMNRVVRNNLRVRLGDVI
SIQPCPDVKYGKRIHVLPIDDTVEGITGNLFEVYLKPYFLEAYRPIRKGDIFLVRGGMRAVEFKVVETDPSPYCIVAPDT
VIHCEGEPIKREDEEESLNEVGYDDVGGCRKQL
;
B
#
# COMPACT_ATOMS: atom_id res chain seq x y z
N ALA A 2 -16.05 -3.11 -20.65
CA ALA A 2 -16.58 -1.76 -20.33
C ALA A 2 -15.53 -0.95 -19.57
N GLU A 3 -15.55 0.36 -19.76
CA GLU A 3 -14.60 1.25 -19.09
C GLU A 3 -15.31 2.15 -18.09
N SER A 4 -14.79 2.21 -16.87
CA SER A 4 -15.34 3.04 -15.82
C SER A 4 -14.30 4.02 -15.30
N ILE A 5 -14.58 5.32 -15.44
CA ILE A 5 -13.65 6.35 -14.99
C ILE A 5 -13.84 6.61 -13.50
N ILE A 6 -13.14 5.82 -12.69
CA ILE A 6 -13.23 5.95 -11.24
C ILE A 6 -11.89 6.38 -10.66
N ILE A 7 -11.12 7.12 -11.47
CA ILE A 7 -9.80 7.60 -11.06
C ILE A 7 -9.88 8.42 -9.77
N ARG A 8 -8.92 8.21 -8.88
CA ARG A 8 -8.89 8.92 -7.61
C ARG A 8 -7.55 9.66 -7.46
N VAL A 9 -7.60 10.80 -6.78
CA VAL A 9 -6.40 11.61 -6.56
C VAL A 9 -6.01 11.60 -5.10
N GLN A 10 -4.71 11.47 -4.83
CA GLN A 10 -4.23 11.45 -3.47
C GLN A 10 -4.00 12.86 -2.95
N SER A 11 -4.97 13.37 -2.21
CA SER A 11 -4.87 14.71 -1.66
C SER A 11 -4.44 14.61 -0.19
N PRO A 12 -3.91 15.71 0.39
CA PRO A 12 -3.45 15.71 1.80
C PRO A 12 -4.56 15.29 2.76
N ASP A 13 -5.80 15.51 2.36
CA ASP A 13 -6.94 15.15 3.19
C ASP A 13 -7.33 13.69 2.96
N GLY A 14 -7.31 13.27 1.71
CA GLY A 14 -7.66 11.91 1.38
C GLY A 14 -7.61 11.63 -0.11
N VAL A 15 -7.88 10.39 -0.47
CA VAL A 15 -7.87 9.97 -1.86
C VAL A 15 -9.31 9.80 -2.35
N LYS A 16 -9.80 10.81 -3.04
CA LYS A 16 -11.17 10.78 -3.54
C LYS A 16 -11.23 10.76 -5.06
N ARG A 17 -12.42 10.47 -5.58
CA ARG A 17 -12.65 10.40 -7.02
C ARG A 17 -12.79 11.81 -7.59
N ILE A 18 -11.81 12.20 -8.39
CA ILE A 18 -11.80 13.52 -9.01
C ILE A 18 -12.77 13.55 -10.19
N THR A 19 -13.27 14.74 -10.53
CA THR A 19 -14.19 14.88 -11.65
C THR A 19 -13.43 14.79 -12.96
N ALA A 20 -13.36 13.58 -13.51
CA ALA A 20 -12.67 13.36 -14.76
C ALA A 20 -13.61 12.80 -15.81
N THR A 21 -13.22 12.95 -17.06
CA THR A 21 -14.01 12.48 -18.17
C THR A 21 -13.33 11.28 -18.83
N LYS A 22 -13.90 10.78 -19.92
CA LYS A 22 -13.31 9.65 -20.62
C LYS A 22 -12.00 10.04 -21.26
N ARG A 23 -11.94 11.26 -21.78
CA ARG A 23 -10.74 11.77 -22.42
C ARG A 23 -10.51 13.23 -22.04
N GLU A 24 -9.25 13.55 -21.71
CA GLU A 24 -8.86 14.90 -21.34
C GLU A 24 -7.34 15.00 -21.29
N THR A 25 -6.82 16.19 -21.55
CA THR A 25 -5.38 16.39 -21.55
C THR A 25 -4.90 16.99 -20.23
N ALA A 26 -3.59 17.18 -20.11
CA ALA A 26 -3.00 17.74 -18.91
C ALA A 26 -3.52 19.15 -18.66
N ALA A 27 -3.69 19.91 -19.74
CA ALA A 27 -4.19 21.28 -19.64
C ALA A 27 -5.57 21.31 -19.00
N THR A 28 -6.38 20.30 -19.33
CA THR A 28 -7.72 20.20 -18.79
C THR A 28 -7.68 19.95 -17.29
N PHE A 29 -6.76 19.08 -16.87
CA PHE A 29 -6.61 18.74 -15.46
C PHE A 29 -6.00 19.91 -14.70
N LEU A 30 -5.01 20.57 -15.30
CA LEU A 30 -4.35 21.71 -14.70
C LEU A 30 -5.36 22.83 -14.44
N LYS A 31 -6.34 22.93 -15.33
CA LYS A 31 -7.38 23.94 -15.21
C LYS A 31 -8.32 23.60 -14.05
N LYS A 32 -8.53 22.30 -13.83
CA LYS A 32 -9.40 21.84 -12.77
C LYS A 32 -8.81 22.18 -11.40
N VAL A 33 -7.56 21.79 -11.17
CA VAL A 33 -6.89 22.05 -9.91
C VAL A 33 -6.66 23.54 -9.71
N ALA A 34 -6.66 24.29 -10.82
CA ALA A 34 -6.47 25.73 -10.77
C ALA A 34 -7.68 26.42 -10.17
N LYS A 35 -8.82 25.73 -10.19
CA LYS A 35 -10.05 26.29 -9.63
C LYS A 35 -10.42 25.59 -8.33
N GLU A 36 -10.30 24.26 -8.32
CA GLU A 36 -10.63 23.47 -7.14
C GLU A 36 -9.69 23.76 -5.98
N PHE A 37 -8.39 23.76 -6.27
CA PHE A 37 -7.39 24.02 -5.24
C PHE A 37 -6.86 25.44 -5.35
N GLY A 38 -7.07 26.04 -6.51
CA GLY A 38 -6.62 27.39 -6.73
C GLY A 38 -5.14 27.45 -7.05
N PHE A 39 -4.61 26.36 -7.59
CA PHE A 39 -3.20 26.30 -7.95
C PHE A 39 -3.00 26.94 -9.31
N GLN A 40 -1.74 27.12 -9.69
CA GLN A 40 -1.42 27.72 -10.97
C GLN A 40 -0.91 26.66 -11.93
N ASN A 41 -1.19 26.84 -13.21
CA ASN A 41 -0.76 25.90 -14.24
C ASN A 41 0.76 25.83 -14.33
N ASN A 42 1.41 26.91 -13.94
CA ASN A 42 2.87 26.97 -13.98
C ASN A 42 3.47 26.62 -12.62
N GLY A 43 2.63 26.08 -11.74
CA GLY A 43 3.09 25.71 -10.42
C GLY A 43 2.77 24.27 -10.09
N PHE A 44 1.53 23.88 -10.34
CA PHE A 44 1.08 22.51 -10.06
C PHE A 44 1.89 21.51 -10.88
N SER A 45 2.51 20.57 -10.19
CA SER A 45 3.32 19.55 -10.83
C SER A 45 2.59 18.20 -10.78
N VAL A 46 2.62 17.48 -11.89
CA VAL A 46 1.97 16.18 -11.99
C VAL A 46 2.96 15.06 -11.70
N TYR A 47 2.64 14.23 -10.71
CA TYR A 47 3.49 13.11 -10.34
C TYR A 47 2.64 11.86 -10.16
N ILE A 48 3.13 10.74 -10.67
CA ILE A 48 2.40 9.48 -10.60
C ILE A 48 3.19 8.41 -9.84
N ASN A 49 3.98 8.82 -8.87
CA ASN A 49 4.78 7.88 -8.10
C ASN A 49 5.06 8.43 -6.71
N ARG A 50 5.58 7.58 -5.83
CA ARG A 50 5.90 7.99 -4.47
C ARG A 50 7.26 8.71 -4.44
N ASN A 51 7.94 8.64 -3.30
CA ASN A 51 9.24 9.29 -3.13
C ASN A 51 9.06 10.80 -3.14
N LYS A 52 8.15 11.27 -2.28
CA LYS A 52 7.83 12.69 -2.15
C LYS A 52 9.08 13.54 -1.89
N THR A 53 9.98 13.03 -1.06
CA THR A 53 11.21 13.76 -0.74
C THR A 53 12.15 13.78 -1.93
N GLY A 54 12.02 12.78 -2.79
CA GLY A 54 12.86 12.69 -3.97
C GLY A 54 12.37 13.59 -5.08
N GLU A 55 11.20 14.18 -4.89
CA GLU A 55 10.63 15.09 -5.87
C GLU A 55 11.39 16.40 -5.88
N ILE A 56 12.10 16.67 -4.80
CA ILE A 56 12.87 17.89 -4.66
C ILE A 56 14.14 17.85 -5.50
N THR A 57 14.05 18.41 -6.71
CA THR A 57 15.17 18.50 -7.65
C THR A 57 15.56 17.14 -8.25
N ALA A 58 15.67 16.11 -7.40
CA ALA A 58 16.06 14.78 -7.83
C ALA A 58 15.12 14.19 -8.88
N SER A 59 13.88 14.67 -8.91
CA SER A 59 12.90 14.18 -9.87
C SER A 59 12.90 15.05 -11.12
N SER A 60 13.71 14.66 -12.10
CA SER A 60 13.81 15.40 -13.35
C SER A 60 13.27 14.55 -14.50
N SER A 61 12.51 13.52 -14.16
CA SER A 61 11.92 12.63 -15.15
C SER A 61 10.85 13.34 -15.98
N LYS A 62 10.54 12.79 -17.14
CA LYS A 62 9.53 13.39 -18.02
C LYS A 62 8.21 12.67 -17.86
N SER A 63 7.15 13.43 -17.61
CA SER A 63 5.80 12.89 -17.45
C SER A 63 5.15 12.61 -18.80
N LEU A 64 5.96 12.61 -19.85
CA LEU A 64 5.48 12.36 -21.20
C LEU A 64 5.40 10.86 -21.46
N HIS A 65 5.53 10.47 -22.73
CA HIS A 65 5.47 9.05 -23.11
C HIS A 65 6.65 8.26 -22.54
N LEU A 66 7.61 8.98 -21.96
CA LEU A 66 8.78 8.33 -21.37
C LEU A 66 8.38 7.47 -20.17
N LEU A 67 7.62 8.06 -19.26
CA LEU A 67 7.18 7.34 -18.06
C LEU A 67 5.98 6.44 -18.36
N LYS A 68 5.23 6.78 -19.40
CA LYS A 68 4.05 6.00 -19.81
C LYS A 68 2.97 6.03 -18.74
N ILE A 69 2.07 7.00 -18.85
CA ILE A 69 0.98 7.13 -17.90
C ILE A 69 -0.19 6.26 -18.33
N LYS A 70 -0.71 5.45 -17.41
CA LYS A 70 -1.84 4.58 -17.72
C LYS A 70 -3.14 5.34 -17.65
N HIS A 71 -4.20 4.73 -18.18
CA HIS A 71 -5.51 5.36 -18.20
C HIS A 71 -6.15 5.29 -16.82
N GLY A 72 -5.70 6.16 -15.93
CA GLY A 72 -6.22 6.20 -14.58
C GLY A 72 -5.13 6.09 -13.54
N ASP A 73 -3.94 6.60 -13.87
CA ASP A 73 -2.81 6.56 -12.95
C ASP A 73 -3.10 7.47 -11.76
N LEU A 74 -2.82 6.98 -10.57
CA LEU A 74 -3.06 7.74 -9.35
C LEU A 74 -2.00 8.81 -9.15
N LEU A 75 -2.44 10.02 -8.83
CA LEU A 75 -1.54 11.13 -8.59
C LEU A 75 -1.15 11.19 -7.13
N PHE A 76 0.11 10.91 -6.84
CA PHE A 76 0.61 10.93 -5.48
C PHE A 76 0.98 12.34 -5.08
N LEU A 77 0.10 12.99 -4.31
CA LEU A 77 0.34 14.35 -3.88
C LEU A 77 0.45 14.41 -2.36
N ASN B 1 -19.88 -16.19 -10.78
CA ASN B 1 -19.72 -16.64 -9.37
C ASN B 1 -18.94 -15.61 -8.57
N ARG B 2 -19.11 -14.34 -8.94
CA ARG B 2 -18.44 -13.21 -8.28
C ARG B 2 -16.94 -13.21 -8.61
N PRO B 3 -16.54 -12.37 -9.58
CA PRO B 3 -15.14 -12.27 -10.01
C PRO B 3 -14.24 -11.60 -8.98
N ASN B 4 -14.85 -11.02 -7.96
CA ASN B 4 -14.10 -10.34 -6.91
C ASN B 4 -13.59 -11.35 -5.88
N ARG B 5 -14.00 -12.60 -6.02
CA ARG B 5 -13.59 -13.65 -5.11
C ARG B 5 -12.53 -14.52 -5.78
N LEU B 6 -11.33 -14.50 -5.22
CA LEU B 6 -10.24 -15.29 -5.78
C LEU B 6 -9.55 -16.10 -4.70
N ILE B 7 -8.85 -17.15 -5.11
CA ILE B 7 -8.13 -18.01 -4.18
C ILE B 7 -6.74 -17.45 -3.92
N VAL B 8 -6.40 -17.28 -2.65
CA VAL B 8 -5.11 -16.73 -2.27
C VAL B 8 -3.97 -17.74 -2.50
N ASP B 9 -2.90 -17.25 -3.12
CA ASP B 9 -1.73 -18.07 -3.41
C ASP B 9 -0.46 -17.31 -2.99
N GLU B 10 0.69 -17.91 -3.23
CA GLU B 10 1.96 -17.28 -2.87
C GLU B 10 2.32 -16.19 -3.88
N ALA B 11 3.19 -15.29 -3.47
CA ALA B 11 3.61 -14.19 -4.34
C ALA B 11 5.11 -14.24 -4.61
N ILE B 12 5.50 -13.74 -5.77
CA ILE B 12 6.90 -13.71 -6.15
C ILE B 12 7.56 -12.45 -5.61
N ASN B 13 6.72 -11.47 -5.30
CA ASN B 13 7.20 -10.19 -4.76
C ASN B 13 7.18 -10.25 -3.23
N GLU B 14 8.24 -9.77 -2.60
CA GLU B 14 8.34 -9.79 -1.13
C GLU B 14 7.81 -8.48 -0.54
N ASP B 15 7.01 -7.76 -1.31
CA ASP B 15 6.43 -6.51 -0.86
C ASP B 15 5.33 -6.79 0.15
N ASN B 16 5.42 -6.16 1.31
CA ASN B 16 4.46 -6.37 2.39
C ASN B 16 3.13 -5.66 2.14
N SER B 17 3.08 -4.77 1.16
CA SER B 17 1.86 -4.03 0.88
C SER B 17 1.51 -4.07 -0.61
N VAL B 18 1.76 -5.20 -1.25
CA VAL B 18 1.47 -5.35 -2.66
C VAL B 18 0.96 -6.75 -2.97
N VAL B 19 0.00 -6.83 -3.89
CA VAL B 19 -0.58 -8.09 -4.31
C VAL B 19 -0.45 -8.21 -5.82
N SER B 20 -0.52 -9.43 -6.33
CA SER B 20 -0.39 -9.65 -7.76
C SER B 20 -1.66 -10.30 -8.33
N LEU B 21 -2.10 -9.81 -9.48
CA LEU B 21 -3.27 -10.33 -10.15
C LEU B 21 -3.03 -10.38 -11.65
N SER B 22 -3.80 -11.20 -12.34
CA SER B 22 -3.67 -11.34 -13.77
C SER B 22 -4.26 -10.12 -14.49
N GLN B 23 -3.67 -9.73 -15.60
CA GLN B 23 -4.15 -8.59 -16.38
C GLN B 23 -5.64 -8.74 -16.74
N PRO B 24 -6.08 -9.89 -17.31
CA PRO B 24 -7.49 -10.13 -17.64
C PRO B 24 -8.41 -9.90 -16.45
N LYS B 25 -7.96 -10.37 -15.28
CA LYS B 25 -8.75 -10.22 -14.05
C LYS B 25 -8.80 -8.76 -13.63
N MET B 26 -7.69 -8.05 -13.81
CA MET B 26 -7.62 -6.64 -13.46
C MET B 26 -8.58 -5.84 -14.32
N ASP B 27 -8.79 -6.30 -15.54
CA ASP B 27 -9.71 -5.66 -16.47
C ASP B 27 -11.15 -5.95 -16.07
N GLU B 28 -11.37 -7.16 -15.57
CA GLU B 28 -12.69 -7.60 -15.12
C GLU B 28 -13.13 -6.83 -13.88
N LEU B 29 -12.18 -6.53 -13.02
CA LEU B 29 -12.46 -5.81 -11.78
C LEU B 29 -12.31 -4.30 -11.97
N GLN B 30 -11.84 -3.90 -13.15
CA GLN B 30 -11.64 -2.49 -13.47
C GLN B 30 -10.63 -1.84 -12.51
N LEU B 31 -9.40 -2.33 -12.56
CA LEU B 31 -8.34 -1.82 -11.70
C LEU B 31 -7.35 -1.00 -12.52
N PHE B 32 -6.74 0.01 -11.89
CA PHE B 32 -5.78 0.86 -12.57
C PHE B 32 -4.34 0.37 -12.37
N ARG B 33 -3.39 1.29 -12.31
CA ARG B 33 -2.00 0.94 -12.12
C ARG B 33 -1.71 0.71 -10.64
N GLY B 34 -1.38 1.76 -9.91
CA GLY B 34 -1.09 1.64 -8.50
C GLY B 34 -2.32 1.94 -7.68
N ASP B 35 -3.40 1.25 -7.97
CA ASP B 35 -4.66 1.46 -7.28
C ASP B 35 -4.67 0.79 -5.91
N THR B 36 -5.46 1.35 -5.01
CA THR B 36 -5.58 0.84 -3.66
C THR B 36 -6.77 -0.11 -3.56
N VAL B 37 -6.49 -1.40 -3.45
CA VAL B 37 -7.54 -2.39 -3.37
C VAL B 37 -7.74 -2.90 -1.95
N LEU B 38 -9.00 -3.15 -1.60
CA LEU B 38 -9.36 -3.66 -0.30
C LEU B 38 -9.59 -5.15 -0.38
N LEU B 39 -8.87 -5.90 0.44
CA LEU B 39 -8.99 -7.35 0.45
C LEU B 39 -9.71 -7.81 1.72
N LYS B 40 -10.89 -8.38 1.55
CA LYS B 40 -11.66 -8.88 2.67
C LYS B 40 -11.39 -10.36 2.87
N GLY B 41 -10.91 -10.72 4.05
CA GLY B 41 -10.60 -12.10 4.34
C GLY B 41 -11.60 -12.73 5.29
N LYS B 42 -11.09 -13.50 6.24
CA LYS B 42 -11.94 -14.18 7.20
C LYS B 42 -11.99 -13.43 8.53
N LYS B 43 -12.90 -13.87 9.40
CA LYS B 43 -13.08 -13.26 10.72
C LYS B 43 -13.43 -11.78 10.61
N ARG B 44 -14.07 -11.43 9.48
CA ARG B 44 -14.51 -10.06 9.19
C ARG B 44 -13.35 -9.05 9.16
N ARG B 45 -12.15 -9.51 8.84
CA ARG B 45 -11.01 -8.60 8.78
C ARG B 45 -10.61 -8.33 7.34
N GLU B 46 -10.35 -7.07 7.04
CA GLU B 46 -9.95 -6.66 5.71
C GLU B 46 -8.62 -5.92 5.72
N ALA B 47 -7.87 -6.04 4.65
CA ALA B 47 -6.57 -5.37 4.52
C ALA B 47 -6.53 -4.57 3.22
N VAL B 48 -5.68 -3.55 3.17
CA VAL B 48 -5.58 -2.73 1.97
C VAL B 48 -4.17 -2.82 1.38
N CYS B 49 -4.08 -3.03 0.08
CA CYS B 49 -2.78 -3.15 -0.60
C CYS B 49 -2.85 -2.62 -2.02
N ILE B 50 -1.70 -2.62 -2.69
CA ILE B 50 -1.62 -2.15 -4.07
C ILE B 50 -1.61 -3.37 -5.00
N VAL B 51 -2.36 -3.30 -6.09
CA VAL B 51 -2.45 -4.41 -7.02
C VAL B 51 -1.47 -4.26 -8.20
N LEU B 52 -0.73 -5.31 -8.49
CA LEU B 52 0.21 -5.33 -9.59
C LEU B 52 -0.15 -6.43 -10.58
N SER B 53 0.06 -6.17 -11.86
CA SER B 53 -0.25 -7.14 -12.90
C SER B 53 0.84 -8.19 -13.00
N ASP B 54 0.44 -9.46 -12.96
CA ASP B 54 1.38 -10.56 -13.07
C ASP B 54 0.86 -11.62 -14.02
N ASP B 55 1.72 -12.05 -14.94
CA ASP B 55 1.35 -13.06 -15.93
C ASP B 55 1.45 -14.45 -15.32
N THR B 56 2.12 -14.54 -14.18
CA THR B 56 2.27 -15.80 -13.47
C THR B 56 1.07 -16.08 -12.58
N CYS B 57 0.13 -15.14 -12.55
CA CYS B 57 -1.06 -15.27 -11.75
C CYS B 57 -2.16 -15.97 -12.54
N SER B 58 -2.89 -16.86 -11.88
CA SER B 58 -3.98 -17.58 -12.51
C SER B 58 -5.20 -16.68 -12.70
N ASP B 59 -6.28 -17.25 -13.20
CA ASP B 59 -7.51 -16.50 -13.44
C ASP B 59 -8.44 -16.56 -12.23
N GLU B 60 -8.23 -17.56 -11.39
CA GLU B 60 -9.06 -17.73 -10.20
C GLU B 60 -8.22 -17.61 -8.93
N LYS B 61 -6.96 -17.23 -9.07
CA LYS B 61 -6.06 -17.09 -7.94
C LYS B 61 -5.47 -15.68 -7.85
N ILE B 62 -5.13 -15.28 -6.64
CA ILE B 62 -4.52 -13.97 -6.39
C ILE B 62 -3.25 -14.18 -5.56
N ARG B 63 -2.17 -13.51 -5.94
CA ARG B 63 -0.90 -13.65 -5.24
C ARG B 63 -0.71 -12.55 -4.21
N MET B 64 -0.27 -12.94 -3.02
CA MET B 64 -0.03 -11.99 -1.94
C MET B 64 1.04 -12.53 -1.01
N ASN B 65 1.62 -11.66 -0.19
CA ASN B 65 2.66 -12.05 0.75
C ASN B 65 2.10 -12.78 1.96
N ARG B 66 3.00 -13.34 2.77
CA ARG B 66 2.63 -14.10 3.96
C ARG B 66 1.97 -13.23 5.03
N VAL B 67 2.48 -12.01 5.21
CA VAL B 67 1.97 -11.09 6.21
C VAL B 67 0.48 -10.78 6.01
N VAL B 68 0.15 -10.27 4.83
CA VAL B 68 -1.23 -9.92 4.51
C VAL B 68 -2.13 -11.15 4.61
N ARG B 69 -1.62 -12.29 4.15
CA ARG B 69 -2.37 -13.54 4.20
C ARG B 69 -2.75 -13.90 5.63
N ASN B 70 -1.75 -13.92 6.51
CA ASN B 70 -1.98 -14.26 7.91
C ASN B 70 -2.85 -13.22 8.61
N ASN B 71 -2.68 -11.96 8.25
CA ASN B 71 -3.47 -10.89 8.85
C ASN B 71 -4.89 -10.89 8.31
N LEU B 72 -5.10 -11.56 7.18
CA LEU B 72 -6.43 -11.68 6.59
C LEU B 72 -7.11 -12.92 7.15
N ARG B 73 -6.36 -13.65 7.98
CA ARG B 73 -6.83 -14.86 8.65
C ARG B 73 -7.17 -15.94 7.62
N VAL B 74 -6.47 -15.90 6.49
CA VAL B 74 -6.69 -16.88 5.42
C VAL B 74 -5.43 -17.71 5.20
N ARG B 75 -5.60 -18.90 4.66
CA ARG B 75 -4.48 -19.79 4.41
C ARG B 75 -4.41 -20.15 2.93
N LEU B 76 -3.44 -20.97 2.55
CA LEU B 76 -3.29 -21.39 1.16
C LEU B 76 -4.52 -22.16 0.70
N GLY B 77 -5.13 -21.69 -0.38
CA GLY B 77 -6.31 -22.36 -0.91
C GLY B 77 -7.59 -21.72 -0.41
N ASP B 78 -7.48 -20.62 0.31
CA ASP B 78 -8.64 -19.93 0.84
C ASP B 78 -9.12 -18.90 -0.17
N VAL B 79 -10.35 -18.42 -0.01
CA VAL B 79 -10.92 -17.43 -0.93
C VAL B 79 -11.12 -16.09 -0.25
N ILE B 80 -10.66 -15.05 -0.92
CA ILE B 80 -10.79 -13.68 -0.40
C ILE B 80 -11.56 -12.82 -1.40
N SER B 81 -11.98 -11.64 -0.96
CA SER B 81 -12.72 -10.72 -1.81
C SER B 81 -11.92 -9.45 -2.04
N ILE B 82 -11.74 -9.08 -3.30
CA ILE B 82 -11.00 -7.87 -3.63
C ILE B 82 -11.93 -6.81 -4.21
N GLN B 83 -11.78 -5.59 -3.72
CA GLN B 83 -12.61 -4.48 -4.18
C GLN B 83 -11.82 -3.18 -4.13
N PRO B 84 -11.72 -2.45 -5.26
CA PRO B 84 -11.00 -1.17 -5.31
C PRO B 84 -11.65 -0.14 -4.39
N CYS B 85 -10.83 0.57 -3.64
CA CYS B 85 -11.32 1.57 -2.70
C CYS B 85 -11.81 2.83 -3.41
N PRO B 86 -13.13 3.09 -3.39
CA PRO B 86 -13.71 4.27 -4.03
C PRO B 86 -13.42 5.54 -3.25
N ASP B 87 -13.34 5.40 -1.93
CA ASP B 87 -13.07 6.52 -1.04
C ASP B 87 -12.01 6.15 -0.02
N VAL B 88 -10.88 6.84 -0.07
CA VAL B 88 -9.80 6.59 0.86
C VAL B 88 -9.38 7.91 1.49
N LYS B 89 -8.65 7.87 2.60
CA LYS B 89 -8.22 9.10 3.25
C LYS B 89 -6.84 8.95 3.85
N TYR B 90 -6.17 10.08 4.02
CA TYR B 90 -4.83 10.10 4.58
C TYR B 90 -4.87 9.99 6.09
N GLY B 91 -3.91 9.28 6.65
CA GLY B 91 -3.85 9.11 8.09
C GLY B 91 -3.36 10.37 8.77
N LYS B 92 -4.29 11.13 9.34
CA LYS B 92 -3.95 12.38 10.04
C LYS B 92 -3.45 12.09 11.45
N ARG B 93 -3.10 10.84 11.68
CA ARG B 93 -2.59 10.38 12.97
C ARG B 93 -2.08 8.96 12.80
N ILE B 94 -0.85 8.72 13.22
CA ILE B 94 -0.26 7.40 13.10
C ILE B 94 0.32 6.97 14.45
N HIS B 95 -0.30 5.94 15.04
CA HIS B 95 0.14 5.42 16.31
C HIS B 95 0.70 4.02 16.15
N VAL B 96 2.02 3.92 16.16
CA VAL B 96 2.68 2.63 16.02
C VAL B 96 3.54 2.35 17.24
N LEU B 97 3.70 1.07 17.57
CA LEU B 97 4.51 0.69 18.72
C LEU B 97 5.36 -0.54 18.41
N PRO B 98 6.61 -0.55 18.91
CA PRO B 98 7.52 -1.67 18.71
C PRO B 98 7.20 -2.83 19.64
N ILE B 99 7.54 -4.04 19.22
CA ILE B 99 7.29 -5.22 20.02
C ILE B 99 8.38 -5.39 21.07
N ASP B 100 8.01 -5.91 22.24
CA ASP B 100 8.94 -6.11 23.34
C ASP B 100 10.13 -6.98 22.97
N ASP B 101 9.89 -8.00 22.16
CA ASP B 101 10.96 -8.92 21.77
C ASP B 101 11.87 -8.31 20.70
N THR B 102 11.39 -7.29 20.02
CA THR B 102 12.19 -6.66 18.97
C THR B 102 13.03 -5.50 19.51
N VAL B 103 12.86 -5.19 20.79
CA VAL B 103 13.62 -4.10 21.41
C VAL B 103 14.52 -4.60 22.52
N GLU B 104 14.72 -5.91 22.57
CA GLU B 104 15.57 -6.52 23.58
C GLU B 104 17.05 -6.24 23.30
N GLY B 105 17.71 -5.54 24.21
CA GLY B 105 19.12 -5.24 24.04
C GLY B 105 19.37 -3.85 23.51
N ILE B 106 18.34 -3.17 23.03
CA ILE B 106 18.49 -1.83 22.49
C ILE B 106 17.78 -0.80 23.37
N THR B 107 18.17 0.46 23.21
CA THR B 107 17.58 1.55 23.97
C THR B 107 17.88 2.88 23.29
N GLY B 108 17.04 3.88 23.53
CA GLY B 108 17.25 5.17 22.93
C GLY B 108 16.05 5.65 22.15
N ASN B 109 16.30 6.16 20.96
CA ASN B 109 15.23 6.67 20.11
C ASN B 109 15.13 5.86 18.82
N LEU B 110 13.98 5.24 18.62
CA LEU B 110 13.75 4.44 17.42
C LEU B 110 12.83 5.18 16.46
N PHE B 111 12.27 6.28 16.95
CA PHE B 111 11.36 7.09 16.16
C PHE B 111 12.06 7.73 14.97
N GLU B 112 13.16 8.40 15.23
CA GLU B 112 13.92 9.09 14.19
C GLU B 112 14.77 8.11 13.36
N VAL B 113 14.84 6.87 13.78
CA VAL B 113 15.65 5.89 13.07
C VAL B 113 14.82 4.87 12.29
N TYR B 114 13.66 4.50 12.82
CA TYR B 114 12.83 3.49 12.15
C TYR B 114 11.40 3.98 11.88
N LEU B 115 10.75 4.53 12.90
CA LEU B 115 9.37 5.00 12.75
C LEU B 115 9.30 6.36 12.06
N LYS B 116 10.01 6.49 10.96
CA LYS B 116 10.03 7.72 10.18
C LYS B 116 10.41 7.46 8.72
N PRO B 117 11.60 6.85 8.46
CA PRO B 117 12.03 6.57 7.08
C PRO B 117 11.13 5.56 6.38
N TYR B 118 10.38 4.80 7.16
CA TYR B 118 9.47 3.80 6.62
C TYR B 118 8.10 4.42 6.34
N PHE B 119 7.92 5.67 6.73
CA PHE B 119 6.67 6.37 6.54
C PHE B 119 6.86 7.53 5.56
N LEU B 120 7.96 8.25 5.72
CA LEU B 120 8.28 9.38 4.87
C LEU B 120 8.46 8.93 3.43
N GLU B 121 7.66 9.54 2.54
CA GLU B 121 7.68 9.26 1.09
C GLU B 121 7.31 7.80 0.76
N ALA B 122 6.82 7.07 1.76
CA ALA B 122 6.44 5.69 1.56
C ALA B 122 5.11 5.58 0.81
N TYR B 123 4.09 6.24 1.34
CA TYR B 123 2.76 6.23 0.74
C TYR B 123 2.22 4.81 0.60
N ARG B 124 2.08 4.13 1.73
CA ARG B 124 1.57 2.77 1.75
C ARG B 124 0.30 2.68 2.59
N PRO B 125 -0.63 1.80 2.20
CA PRO B 125 -1.88 1.60 2.93
C PRO B 125 -1.70 0.67 4.14
N ILE B 126 -2.29 1.05 5.26
CA ILE B 126 -2.19 0.25 6.48
C ILE B 126 -3.53 0.18 7.21
N ARG B 127 -3.75 -0.91 7.92
CA ARG B 127 -4.98 -1.10 8.69
C ARG B 127 -4.63 -1.27 10.17
N LYS B 128 -5.58 -0.94 11.04
CA LYS B 128 -5.38 -1.05 12.48
C LYS B 128 -5.11 -2.50 12.88
N GLY B 129 -3.97 -2.73 13.53
CA GLY B 129 -3.63 -4.07 13.97
C GLY B 129 -2.69 -4.79 13.02
N ASP B 130 -2.28 -4.12 11.95
CA ASP B 130 -1.38 -4.72 10.98
C ASP B 130 0.06 -4.62 11.46
N ILE B 131 0.88 -5.59 11.06
CA ILE B 131 2.27 -5.62 11.45
C ILE B 131 3.15 -5.56 10.20
N PHE B 132 4.12 -4.67 10.20
CA PHE B 132 5.01 -4.53 9.06
C PHE B 132 6.46 -4.76 9.50
N LEU B 133 7.26 -5.27 8.58
CA LEU B 133 8.66 -5.55 8.86
C LEU B 133 9.56 -4.56 8.14
N VAL B 134 10.47 -3.96 8.88
CA VAL B 134 11.41 -3.01 8.31
C VAL B 134 12.74 -3.71 8.04
N ARG B 135 12.96 -4.08 6.79
CA ARG B 135 14.19 -4.75 6.40
C ARG B 135 15.24 -3.74 5.97
N GLY B 136 14.77 -2.63 5.40
CA GLY B 136 15.67 -1.60 4.95
C GLY B 136 16.08 -0.67 6.09
N GLY B 137 16.82 -1.22 7.05
CA GLY B 137 17.27 -0.43 8.17
C GLY B 137 18.25 -1.21 9.03
N MET B 138 19.22 -1.84 8.38
CA MET B 138 20.25 -2.65 9.05
C MET B 138 19.66 -3.96 9.58
N ARG B 139 18.76 -3.85 10.54
CA ARG B 139 18.12 -5.01 11.14
C ARG B 139 16.64 -5.03 10.82
N ALA B 140 16.10 -6.23 10.68
CA ALA B 140 14.68 -6.38 10.38
C ALA B 140 13.85 -6.30 11.65
N VAL B 141 13.25 -5.13 11.89
CA VAL B 141 12.44 -4.93 13.08
C VAL B 141 10.96 -5.01 12.75
N GLU B 142 10.19 -5.61 13.65
CA GLU B 142 8.76 -5.75 13.46
C GLU B 142 8.02 -4.65 14.21
N PHE B 143 7.14 -3.96 13.51
CA PHE B 143 6.36 -2.89 14.13
C PHE B 143 4.87 -3.14 13.92
N LYS B 144 4.09 -2.91 14.95
CA LYS B 144 2.66 -3.14 14.89
C LYS B 144 1.89 -1.82 14.91
N VAL B 145 0.94 -1.70 13.99
CA VAL B 145 0.12 -0.50 13.90
C VAL B 145 -0.99 -0.54 14.95
N VAL B 146 -0.86 0.27 15.98
CA VAL B 146 -1.84 0.32 17.05
C VAL B 146 -3.14 0.90 16.55
N GLU B 147 -3.07 2.07 15.92
CA GLU B 147 -4.24 2.74 15.38
C GLU B 147 -3.84 3.96 14.56
N THR B 148 -4.80 4.48 13.82
CA THR B 148 -4.58 5.65 12.99
C THR B 148 -5.72 6.63 13.19
N ASP B 149 -5.69 7.76 12.48
CA ASP B 149 -6.75 8.76 12.62
C ASP B 149 -8.09 8.19 12.12
N PRO B 150 -8.17 7.69 10.86
CA PRO B 150 -9.38 7.11 10.32
C PRO B 150 -9.44 5.61 10.56
N SER B 151 -10.55 5.15 11.09
CA SER B 151 -10.72 3.73 11.36
C SER B 151 -11.52 3.06 10.24
N PRO B 152 -11.22 1.79 9.93
CA PRO B 152 -10.18 1.02 10.59
C PRO B 152 -8.87 0.97 9.79
N TYR B 153 -8.79 1.74 8.71
CA TYR B 153 -7.59 1.76 7.88
C TYR B 153 -7.43 3.11 7.17
N CYS B 154 -6.25 3.33 6.60
CA CYS B 154 -5.94 4.56 5.88
C CYS B 154 -4.59 4.44 5.18
N ILE B 155 -4.20 5.49 4.47
CA ILE B 155 -2.92 5.50 3.78
C ILE B 155 -1.90 6.32 4.57
N VAL B 156 -0.69 5.81 4.67
CA VAL B 156 0.39 6.47 5.40
C VAL B 156 0.66 7.85 4.81
N ALA B 157 0.39 8.88 5.61
CA ALA B 157 0.63 10.24 5.19
C ALA B 157 1.97 10.72 5.74
N PRO B 158 2.97 10.93 4.87
CA PRO B 158 4.30 11.37 5.28
C PRO B 158 4.30 12.81 5.81
N ASP B 159 3.20 13.50 5.58
CA ASP B 159 3.05 14.87 6.03
C ASP B 159 2.53 14.92 7.46
N THR B 160 2.06 13.78 7.95
CA THR B 160 1.55 13.68 9.30
C THR B 160 2.67 13.28 10.27
N VAL B 161 2.62 13.83 11.48
CA VAL B 161 3.63 13.51 12.47
C VAL B 161 3.33 12.17 13.14
N ILE B 162 4.19 11.19 12.88
CA ILE B 162 4.04 9.86 13.46
C ILE B 162 4.30 9.93 14.96
N HIS B 163 3.55 9.18 15.73
CA HIS B 163 3.73 9.18 17.18
C HIS B 163 4.01 7.78 17.70
N CYS B 164 5.15 7.62 18.34
CA CYS B 164 5.55 6.35 18.91
C CYS B 164 5.88 6.49 20.38
N GLU B 165 4.99 6.00 21.23
CA GLU B 165 5.19 6.07 22.67
C GLU B 165 6.38 5.22 23.08
N GLY B 166 7.02 5.59 24.19
CA GLY B 166 8.17 4.84 24.66
C GLY B 166 7.77 3.65 25.51
N GLU B 167 6.90 2.82 24.98
CA GLU B 167 6.43 1.65 25.69
C GLU B 167 6.17 0.51 24.71
N PRO B 168 7.07 -0.48 24.68
CA PRO B 168 6.95 -1.64 23.79
C PRO B 168 5.71 -2.48 24.11
N ILE B 169 5.15 -3.11 23.10
CA ILE B 169 3.96 -3.94 23.29
C ILE B 169 4.29 -5.42 23.16
N LYS B 170 3.47 -6.25 23.79
CA LYS B 170 3.68 -7.70 23.75
C LYS B 170 3.03 -8.27 22.48
N ARG B 171 3.54 -9.40 22.03
CA ARG B 171 3.03 -10.05 20.83
C ARG B 171 1.88 -10.99 21.17
N GLU B 172 0.90 -11.08 20.29
CA GLU B 172 -0.23 -11.95 20.49
C GLU B 172 0.10 -13.38 20.04
N ASP B 173 -0.72 -14.33 20.44
CA ASP B 173 -0.49 -15.73 20.11
C ASP B 173 -0.77 -16.02 18.64
N GLU B 174 -1.78 -15.38 18.08
CA GLU B 174 -2.14 -15.58 16.68
C GLU B 174 -1.22 -14.78 15.75
N GLU B 175 -0.35 -13.97 16.34
CA GLU B 175 0.57 -13.16 15.56
C GLU B 175 1.97 -13.76 15.63
N GLU B 176 2.41 -14.33 14.52
CA GLU B 176 3.73 -14.94 14.45
C GLU B 176 4.82 -13.87 14.30
N SER B 177 6.06 -14.29 14.47
CA SER B 177 7.17 -13.38 14.34
C SER B 177 7.77 -13.47 12.95
N LEU B 178 8.12 -12.34 12.38
CA LEU B 178 8.72 -12.30 11.05
C LEU B 178 10.16 -12.80 11.09
N ASN B 179 10.60 -13.17 12.29
CA ASN B 179 11.93 -13.72 12.49
C ASN B 179 11.90 -15.22 12.25
N GLU B 180 10.69 -15.74 12.11
CA GLU B 180 10.48 -17.17 11.86
C GLU B 180 11.06 -17.56 10.51
N VAL B 181 11.45 -18.81 10.37
CA VAL B 181 12.02 -19.31 9.14
C VAL B 181 10.92 -19.68 8.15
N GLY B 182 10.75 -18.85 7.13
CA GLY B 182 9.73 -19.11 6.14
C GLY B 182 10.33 -19.65 4.86
N TYR B 183 9.61 -19.49 3.76
CA TYR B 183 10.11 -19.97 2.48
C TYR B 183 11.16 -19.01 1.93
N ASP B 184 11.09 -17.77 2.37
CA ASP B 184 12.01 -16.73 1.93
C ASP B 184 13.36 -16.86 2.64
N ASP B 185 13.41 -17.75 3.64
CA ASP B 185 14.63 -17.98 4.39
C ASP B 185 15.41 -19.14 3.79
N VAL B 186 14.87 -19.71 2.72
CA VAL B 186 15.51 -20.82 2.03
C VAL B 186 16.09 -20.33 0.70
N GLY B 187 17.39 -20.50 0.53
CA GLY B 187 18.04 -20.06 -0.69
C GLY B 187 18.55 -21.23 -1.52
N GLY B 188 18.46 -21.10 -2.83
CA GLY B 188 18.92 -22.14 -3.72
C GLY B 188 17.90 -23.25 -3.90
N CYS B 189 17.48 -23.83 -2.79
CA CYS B 189 16.50 -24.91 -2.80
C CYS B 189 15.13 -24.39 -3.23
N ARG B 190 14.81 -24.55 -4.52
CA ARG B 190 13.53 -24.12 -5.05
C ARG B 190 12.66 -25.31 -5.40
N LYS B 191 13.21 -26.20 -6.23
CA LYS B 191 12.51 -27.41 -6.65
C LYS B 191 12.58 -28.47 -5.57
N GLN B 192 13.29 -28.15 -4.49
CA GLN B 192 13.45 -29.06 -3.37
C GLN B 192 12.34 -28.80 -2.35
N LEU B 193 11.44 -27.88 -2.70
CA LEU B 193 10.32 -27.53 -1.86
C LEU B 193 9.03 -28.04 -2.48
#